data_2A8R
#
_entry.id   2A8R
#
_cell.length_a   50.200
_cell.length_b   82.150
_cell.length_c   112.240
_cell.angle_alpha   90.00
_cell.angle_beta   90.00
_cell.angle_gamma   90.00
#
_symmetry.space_group_name_H-M   'P 21 21 21'
#
loop_
_entity.id
_entity.type
_entity.pdbx_description
1 polymer 'U8 snoRNA-binding protein X29'
2 non-polymer 'MANGANESE (II) ION'
3 non-polymer 'PYROPHOSPHATE 2-'
4 water water
#
_entity_poly.entity_id   1
_entity_poly.type   'polypeptide(L)'
_entity_poly.pdbx_seq_one_letter_code
;MAESRSPDRGAKEDKPRPRNISREESLQLEGYKHACHALLHAPSQAKLFDRVPIRRVLLMMMRFDGRLGFPGGFVDTRDI
SLEEGLKRELEEELGPALATVEVTEDDYRSSQVREHPQK(YCM)VTHFYIKELKLEEIERIEAEAVNAKDHGLEVMGLIR
VPLYTLRDRVGGLPAFL(YCM)NNFIGNSKSQLLYALRSLKLLREDQIQEVLKASHRLQY
;
_entity_poly.pdbx_strand_id   A,B
#
loop_
_chem_comp.id
_chem_comp.type
_chem_comp.name
_chem_comp.formula
MN non-polymer 'MANGANESE (II) ION' 'Mn 2'
POP non-polymer 'PYROPHOSPHATE 2-' 'H2 O7 P2 -2'
#
# COMPACT_ATOMS: atom_id res chain seq x y z
N ASN A 20 -25.21 0.93 -10.90
CA ASN A 20 -24.64 1.14 -12.28
C ASN A 20 -25.10 2.49 -12.85
N ILE A 21 -25.02 2.64 -14.18
CA ILE A 21 -25.43 3.85 -14.91
C ILE A 21 -25.12 3.76 -16.41
N SER A 22 -24.97 4.90 -17.06
CA SER A 22 -24.66 5.01 -18.49
C SER A 22 -23.94 6.34 -18.75
N ARG A 23 -23.13 6.39 -19.81
CA ARG A 23 -22.28 7.57 -20.05
C ARG A 23 -23.01 8.87 -20.46
N GLU A 24 -23.75 8.84 -21.58
CA GLU A 24 -24.49 10.03 -22.05
C GLU A 24 -25.68 10.34 -21.13
N GLU A 25 -26.20 9.29 -20.47
CA GLU A 25 -27.24 9.47 -19.46
C GLU A 25 -26.68 10.18 -18.23
N SER A 26 -25.42 9.87 -17.89
CA SER A 26 -24.76 10.43 -16.69
C SER A 26 -24.26 11.86 -16.84
N LEU A 27 -23.59 12.16 -17.96
CA LEU A 27 -22.85 13.41 -18.14
C LEU A 27 -23.74 14.67 -18.16
N GLN A 28 -25.04 14.49 -18.33
CA GLN A 28 -25.99 15.59 -18.18
C GLN A 28 -27.06 15.29 -17.12
N LEU A 29 -26.61 15.13 -15.87
CA LEU A 29 -27.51 14.93 -14.74
C LEU A 29 -28.06 16.28 -14.27
N GLU A 30 -27.67 16.70 -13.07
CA GLU A 30 -28.09 17.99 -12.49
C GLU A 30 -27.60 18.12 -11.06
N GLY A 31 -26.45 18.77 -10.90
CA GLY A 31 -25.86 19.00 -9.58
C GLY A 31 -24.85 17.94 -9.16
N TYR A 32 -25.04 16.72 -9.64
CA TYR A 32 -24.20 15.57 -9.27
C TYR A 32 -22.71 15.81 -9.57
N LYS A 33 -21.85 15.42 -8.63
CA LYS A 33 -20.40 15.58 -8.79
C LYS A 33 -19.79 14.39 -9.55
N HIS A 34 -18.82 14.68 -10.42
CA HIS A 34 -18.23 13.66 -11.32
C HIS A 34 -16.78 13.29 -10.97
N ALA A 35 -16.46 12.00 -11.01
CA ALA A 35 -15.10 11.55 -10.77
C ALA A 35 -14.64 10.56 -11.82
N CYS A 36 -13.33 10.58 -12.08
CA CYS A 36 -12.72 9.67 -13.00
C CYS A 36 -11.55 8.96 -12.34
N HIS A 37 -11.54 7.64 -12.47
CA HIS A 37 -10.39 6.86 -12.01
C HIS A 37 -10.01 5.82 -13.07
N ALA A 38 -8.73 5.45 -13.08
CA ALA A 38 -8.19 4.54 -14.10
C ALA A 38 -7.36 3.40 -13.52
N LEU A 39 -7.54 2.22 -14.11
CA LEU A 39 -6.62 1.10 -13.92
C LEU A 39 -5.63 1.09 -15.06
N LEU A 40 -4.35 1.27 -14.73
CA LEU A 40 -3.27 1.14 -15.70
C LEU A 40 -2.63 -0.20 -15.46
N HIS A 41 -2.39 -0.96 -16.53
CA HIS A 41 -1.84 -2.32 -16.42
C HIS A 41 -0.92 -2.70 -17.59
N ALA A 42 -0.09 -3.72 -17.36
CA ALA A 42 0.84 -4.21 -18.38
C ALA A 42 1.13 -5.70 -18.19
N PRO A 43 1.32 -6.44 -19.30
CA PRO A 43 1.65 -7.87 -19.21
C PRO A 43 3.01 -8.10 -18.57
N SER A 44 3.20 -9.26 -17.92
CA SER A 44 4.45 -9.52 -17.21
C SER A 44 4.85 -10.99 -17.21
N GLN A 45 6.09 -11.21 -17.61
CA GLN A 45 6.68 -12.54 -17.64
C GLN A 45 7.25 -12.95 -16.27
N ALA A 46 7.31 -12.03 -15.33
CA ALA A 46 7.98 -12.30 -14.04
C ALA A 46 7.30 -13.41 -13.24
N LYS A 47 8.09 -14.19 -12.50
CA LYS A 47 7.55 -15.22 -11.61
C LYS A 47 8.03 -15.04 -10.16
N LEU A 48 7.08 -15.18 -9.23
CA LEU A 48 7.34 -14.90 -7.84
C LEU A 48 8.46 -15.76 -7.23
N PHE A 49 8.18 -16.96 -6.76
CA PHE A 49 9.28 -17.69 -6.18
C PHE A 49 9.86 -18.62 -7.24
N ASP A 50 10.17 -18.01 -8.39
CA ASP A 50 10.42 -18.74 -9.66
C ASP A 50 9.35 -19.80 -9.95
N ARG A 51 8.15 -19.60 -9.40
CA ARG A 51 7.03 -20.56 -9.49
C ARG A 51 5.76 -19.88 -9.95
N VAL A 52 5.29 -18.92 -9.15
CA VAL A 52 3.98 -18.30 -9.34
C VAL A 52 4.06 -17.13 -10.31
N PRO A 53 3.40 -17.25 -11.48
CA PRO A 53 3.39 -16.14 -12.45
C PRO A 53 2.62 -14.92 -11.97
N ILE A 54 3.24 -13.75 -12.12
CA ILE A 54 2.63 -12.43 -11.91
C ILE A 54 1.50 -12.13 -12.93
N ARG A 55 1.64 -12.66 -14.15
CA ARG A 55 0.69 -12.49 -15.26
C ARG A 55 0.61 -11.04 -15.74
N ARG A 56 0.19 -10.15 -14.84
CA ARG A 56 -0.10 -8.79 -15.23
C ARG A 56 0.16 -7.88 -14.04
N VAL A 57 0.65 -6.67 -14.34
CA VAL A 57 0.94 -5.67 -13.32
C VAL A 57 -0.21 -4.68 -13.35
N LEU A 58 -0.87 -4.53 -12.21
CA LEU A 58 -2.02 -3.62 -12.11
C LEU A 58 -1.72 -2.60 -11.04
N LEU A 59 -1.83 -1.32 -11.38
CA LEU A 59 -1.55 -0.28 -10.39
C LEU A 59 -2.77 0.11 -9.58
N MET A 60 -2.61 0.14 -8.26
CA MET A 60 -3.50 0.88 -7.35
C MET A 60 -2.64 1.72 -6.40
N MET A 61 -3.25 2.30 -5.38
CA MET A 61 -2.54 3.17 -4.44
C MET A 61 -3.16 3.21 -3.07
N MET A 62 -2.29 3.47 -2.09
CA MET A 62 -2.73 3.89 -0.74
C MET A 62 -2.99 5.40 -0.74
N ARG A 63 -4.21 5.78 -0.37
CA ARG A 63 -4.63 7.17 -0.29
C ARG A 63 -4.34 7.79 1.08
N PHE A 64 -4.40 9.13 1.13
CA PHE A 64 -4.26 9.95 2.33
C PHE A 64 -5.26 9.57 3.43
N ASP A 65 -6.40 9.01 3.02
CA ASP A 65 -7.45 8.61 3.95
C ASP A 65 -7.29 7.18 4.49
N GLY A 66 -6.22 6.50 4.09
CA GLY A 66 -5.92 5.19 4.64
C GLY A 66 -6.50 4.03 3.85
N ARG A 67 -7.19 4.36 2.75
CA ARG A 67 -7.81 3.32 1.92
C ARG A 67 -7.05 3.09 0.64
N LEU A 68 -7.30 1.95 0.01
CA LEU A 68 -6.79 1.64 -1.32
C LEU A 68 -7.76 2.18 -2.39
N GLY A 69 -7.21 2.67 -3.48
CA GLY A 69 -8.01 3.12 -4.63
C GLY A 69 -7.20 3.16 -5.94
N PHE A 70 -7.86 3.53 -7.03
CA PHE A 70 -7.20 3.82 -8.32
C PHE A 70 -6.86 5.29 -8.39
N PRO A 71 -5.83 5.68 -9.17
CA PRO A 71 -5.59 7.12 -9.37
C PRO A 71 -6.71 7.80 -10.17
N GLY A 72 -6.79 9.13 -10.02
CA GLY A 72 -7.86 9.93 -10.60
C GLY A 72 -8.45 10.89 -9.58
N GLY A 73 -9.60 11.45 -9.90
CA GLY A 73 -10.30 12.33 -8.96
C GLY A 73 -11.47 13.06 -9.57
N PHE A 74 -11.89 14.13 -8.91
CA PHE A 74 -13.02 14.93 -9.37
C PHE A 74 -12.68 15.71 -10.65
N VAL A 75 -13.68 15.84 -11.52
CA VAL A 75 -13.57 16.66 -12.73
C VAL A 75 -14.87 17.42 -12.95
N ASP A 76 -14.80 18.75 -12.92
CA ASP A 76 -15.98 19.61 -13.18
C ASP A 76 -16.49 19.40 -14.60
N THR A 77 -17.71 18.87 -14.72
CA THR A 77 -18.27 18.40 -16.00
C THR A 77 -18.26 19.49 -17.09
N ARG A 78 -18.57 20.72 -16.69
CA ARG A 78 -18.61 21.87 -17.61
C ARG A 78 -17.22 22.42 -17.94
N ASP A 79 -16.21 22.02 -17.17
CA ASP A 79 -14.82 22.48 -17.35
C ASP A 79 -13.87 21.43 -17.95
N ILE A 80 -13.87 21.34 -19.28
CA ILE A 80 -13.09 20.34 -20.06
C ILE A 80 -13.63 18.91 -19.96
N SER A 81 -13.36 18.11 -21.00
CA SER A 81 -13.92 16.76 -21.17
C SER A 81 -13.51 15.77 -20.08
N LEU A 82 -14.30 14.70 -19.92
CA LEU A 82 -14.03 13.65 -18.95
C LEU A 82 -12.60 13.09 -19.05
N GLU A 83 -12.05 13.03 -20.25
CA GLU A 83 -10.68 12.56 -20.45
C GLU A 83 -9.64 13.58 -19.98
N GLU A 84 -9.95 14.86 -20.17
CA GLU A 84 -9.04 15.96 -19.79
C GLU A 84 -9.01 16.15 -18.27
N GLY A 85 -10.07 15.73 -17.60
CA GLY A 85 -10.12 15.75 -16.14
C GLY A 85 -9.18 14.67 -15.63
N LEU A 86 -9.38 13.46 -16.14
CA LEU A 86 -8.60 12.28 -15.76
C LEU A 86 -7.10 12.44 -16.00
N LYS A 87 -6.69 12.75 -17.23
CA LYS A 87 -5.29 12.99 -17.59
C LYS A 87 -4.59 13.97 -16.62
N ARG A 88 -5.29 15.05 -16.25
CA ARG A 88 -4.81 15.98 -15.24
C ARG A 88 -4.59 15.31 -13.88
N GLU A 89 -5.64 14.70 -13.35
CA GLU A 89 -5.59 14.07 -12.04
C GLU A 89 -4.58 12.92 -12.02
N LEU A 90 -4.29 12.36 -13.19
CA LEU A 90 -3.25 11.36 -13.33
C LEU A 90 -1.85 11.95 -13.17
N GLU A 91 -1.59 13.05 -13.85
CA GLU A 91 -0.28 13.69 -13.78
C GLU A 91 -0.06 14.22 -12.37
N GLU A 92 -1.16 14.62 -11.75
CA GLU A 92 -1.12 15.20 -10.42
C GLU A 92 -0.77 14.12 -9.38
N GLU A 93 -1.31 12.93 -9.58
CA GLU A 93 -1.20 11.87 -8.60
C GLU A 93 -0.12 10.88 -8.92
N LEU A 94 0.02 10.54 -10.19
CA LEU A 94 1.04 9.58 -10.60
C LEU A 94 2.33 10.24 -11.05
N GLY A 95 2.23 11.47 -11.55
CA GLY A 95 3.40 12.29 -11.83
C GLY A 95 3.59 12.67 -13.28
N PRO A 96 4.75 13.28 -13.59
CA PRO A 96 5.02 13.92 -14.88
C PRO A 96 5.00 12.90 -16.03
N ALA A 97 5.58 11.73 -15.79
CA ALA A 97 5.52 10.64 -16.76
C ALA A 97 4.19 10.57 -17.55
N LEU A 98 3.07 10.77 -16.86
CA LEU A 98 1.73 10.66 -17.45
C LEU A 98 1.41 11.63 -18.59
N ALA A 99 2.05 12.80 -18.59
CA ALA A 99 1.84 13.79 -19.65
C ALA A 99 1.79 13.11 -21.03
N THR A 100 2.64 12.09 -21.21
CA THR A 100 2.72 11.33 -22.46
C THR A 100 1.75 10.15 -22.54
N VAL A 101 1.12 9.77 -21.43
CA VAL A 101 0.07 8.75 -21.46
C VAL A 101 -1.18 9.31 -22.13
N GLU A 102 -1.83 8.48 -22.92
CA GLU A 102 -2.95 8.88 -23.74
C GLU A 102 -4.17 8.11 -23.28
N VAL A 103 -4.88 8.65 -22.29
CA VAL A 103 -6.10 8.00 -21.81
C VAL A 103 -7.30 8.57 -22.59
N THR A 104 -7.56 7.95 -23.74
CA THR A 104 -8.54 8.43 -24.72
C THR A 104 -9.98 8.11 -24.35
N GLU A 105 -10.91 8.48 -25.23
CA GLU A 105 -12.32 8.10 -25.10
C GLU A 105 -12.48 6.57 -25.19
N ASP A 106 -11.61 5.93 -25.95
CA ASP A 106 -11.65 4.47 -26.12
C ASP A 106 -11.22 3.69 -24.87
N ASP A 107 -10.67 4.39 -23.88
CA ASP A 107 -10.25 3.76 -22.64
C ASP A 107 -11.35 3.75 -21.57
N TYR A 108 -12.48 4.39 -21.87
CA TYR A 108 -13.64 4.40 -20.98
C TYR A 108 -14.21 2.97 -20.79
N ARG A 109 -14.84 2.72 -19.64
CA ARG A 109 -15.45 1.41 -19.38
C ARG A 109 -16.82 1.40 -18.68
N SER A 110 -17.01 2.22 -17.65
CA SER A 110 -18.29 2.25 -16.94
C SER A 110 -18.47 3.46 -16.00
N SER A 111 -19.70 3.59 -15.50
CA SER A 111 -20.08 4.62 -14.54
C SER A 111 -21.04 4.05 -13.50
N GLN A 112 -20.89 4.46 -12.25
CA GLN A 112 -21.86 4.12 -11.21
C GLN A 112 -22.47 5.37 -10.58
N VAL A 113 -23.76 5.29 -10.21
CA VAL A 113 -24.44 6.38 -9.50
C VAL A 113 -24.69 6.00 -8.04
N ARG A 114 -24.40 6.95 -7.16
CA ARG A 114 -24.69 6.85 -5.74
C ARG A 114 -25.50 8.09 -5.36
N GLU A 115 -26.01 8.10 -4.13
CA GLU A 115 -26.73 9.25 -3.59
C GLU A 115 -26.36 9.55 -2.13
N HIS A 116 -26.73 8.66 -1.22
CA HIS A 116 -26.40 8.80 0.21
C HIS A 116 -24.87 8.74 0.41
N PRO A 117 -24.23 9.88 0.19
CA PRO A 117 -22.77 10.05 0.33
C PRO A 117 -22.36 11.45 -0.14
N GLN A 118 -22.91 11.85 -1.30
CA GLN A 118 -22.60 13.14 -1.94
C GLN A 118 -23.33 13.27 -3.28
N LYS A 119 -23.96 12.16 -3.72
CA LYS A 119 -24.56 12.03 -5.06
C LYS A 119 -23.50 12.21 -6.15
N YCM A 120 -22.91 11.08 -6.54
CA YCM A 120 -21.70 11.07 -7.37
CB YCM A 120 -20.50 10.64 -6.50
SG YCM A 120 -18.95 10.30 -7.39
C YCM A 120 -21.82 10.15 -8.58
O YCM A 120 -22.55 9.16 -8.56
N VAL A 121 -21.10 10.51 -9.65
CA VAL A 121 -20.94 9.61 -10.78
C VAL A 121 -19.46 9.25 -10.95
N THR A 122 -19.15 7.97 -10.71
CA THR A 122 -17.79 7.46 -10.86
C THR A 122 -17.60 6.84 -12.24
N HIS A 123 -16.62 7.36 -12.99
CA HIS A 123 -16.28 6.81 -14.29
C HIS A 123 -15.00 5.99 -14.19
N PHE A 124 -15.07 4.73 -14.60
CA PHE A 124 -13.92 3.82 -14.56
C PHE A 124 -13.31 3.62 -15.94
N TYR A 125 -11.99 3.70 -16.02
CA TYR A 125 -11.22 3.58 -17.26
C TYR A 125 -10.15 2.50 -17.10
N ILE A 126 -10.01 1.64 -18.10
CA ILE A 126 -8.97 0.61 -18.10
C ILE A 126 -8.08 0.80 -19.32
N LYS A 127 -6.79 0.97 -19.10
CA LYS A 127 -5.84 1.21 -20.19
C LYS A 127 -4.61 0.33 -20.04
N GLU A 128 -4.35 -0.50 -21.06
CA GLU A 128 -3.17 -1.33 -21.11
C GLU A 128 -1.99 -0.51 -21.58
N LEU A 129 -0.92 -0.48 -20.78
CA LEU A 129 0.35 0.14 -21.18
C LEU A 129 1.41 -0.94 -21.38
N LYS A 130 2.60 -0.54 -21.83
CA LYS A 130 3.76 -1.42 -21.84
C LYS A 130 4.38 -1.50 -20.44
N LEU A 131 5.05 -2.62 -20.12
CA LEU A 131 5.65 -2.81 -18.78
C LEU A 131 6.61 -1.68 -18.39
N GLU A 132 7.52 -1.37 -19.30
CA GLU A 132 8.51 -0.32 -19.10
C GLU A 132 7.85 1.00 -18.73
N GLU A 133 6.72 1.30 -19.35
CA GLU A 133 5.96 2.50 -19.03
C GLU A 133 5.43 2.44 -17.58
N ILE A 134 4.88 1.28 -17.18
CA ILE A 134 4.48 1.13 -15.79
C ILE A 134 5.71 1.33 -14.92
N GLU A 135 6.84 0.76 -15.33
CA GLU A 135 8.07 0.85 -14.54
C GLU A 135 8.50 2.32 -14.34
N ARG A 136 8.45 3.08 -15.43
CA ARG A 136 8.79 4.51 -15.38
C ARG A 136 7.77 5.28 -14.54
N ILE A 137 6.53 4.79 -14.48
CA ILE A 137 5.51 5.49 -13.70
C ILE A 137 5.76 5.31 -12.19
N GLU A 138 5.99 4.06 -11.78
CA GLU A 138 6.43 3.75 -10.41
C GLU A 138 7.73 4.46 -10.01
N ALA A 139 8.66 4.63 -10.97
CA ALA A 139 9.95 5.23 -10.68
C ALA A 139 9.89 6.74 -10.48
N GLU A 140 8.95 7.41 -11.15
CA GLU A 140 8.84 8.86 -11.01
C GLU A 140 7.68 9.28 -10.15
N ALA A 141 6.86 8.30 -9.74
CA ALA A 141 5.74 8.55 -8.82
C ALA A 141 6.15 9.38 -7.60
N VAL A 142 7.38 9.20 -7.13
CA VAL A 142 7.88 9.95 -5.98
C VAL A 142 8.01 11.45 -6.27
N ASN A 143 7.98 11.80 -7.56
CA ASN A 143 8.04 13.20 -7.98
C ASN A 143 6.67 13.84 -8.16
N ALA A 144 5.59 13.07 -8.01
CA ALA A 144 4.26 13.61 -8.26
C ALA A 144 3.93 14.76 -7.32
N LYS A 145 3.18 15.75 -7.80
CA LYS A 145 2.71 16.83 -6.94
C LYS A 145 2.09 16.25 -5.67
N ASP A 146 1.30 15.20 -5.82
CA ASP A 146 0.61 14.59 -4.71
C ASP A 146 1.30 13.42 -3.96
N HIS A 147 2.54 13.11 -4.32
CA HIS A 147 3.28 12.12 -3.56
C HIS A 147 3.40 12.55 -2.11
N GLY A 148 2.95 11.69 -1.20
CA GLY A 148 3.06 11.98 0.21
C GLY A 148 1.98 12.91 0.71
N LEU A 149 1.11 13.34 -0.20
CA LEU A 149 -0.05 14.13 0.18
C LEU A 149 -1.30 13.28 -0.05
N GLU A 150 -1.92 13.41 -1.22
CA GLU A 150 -3.06 12.54 -1.55
C GLU A 150 -2.64 11.09 -1.71
N VAL A 151 -1.43 10.89 -2.25
CA VAL A 151 -0.96 9.57 -2.63
C VAL A 151 0.15 9.15 -1.68
N MET A 152 -0.15 8.17 -0.84
CA MET A 152 0.78 7.67 0.15
C MET A 152 1.70 6.57 -0.37
N GLY A 153 1.53 6.17 -1.63
CA GLY A 153 2.39 5.18 -2.30
C GLY A 153 1.62 4.29 -3.29
N LEU A 154 2.26 3.94 -4.40
CA LEU A 154 1.69 2.99 -5.34
C LEU A 154 1.90 1.53 -4.94
N ILE A 155 0.96 0.68 -5.31
CA ILE A 155 1.11 -0.74 -5.11
C ILE A 155 0.73 -1.54 -6.37
N ARG A 156 1.16 -2.80 -6.44
CA ARG A 156 0.72 -3.70 -7.50
C ARG A 156 -0.25 -4.72 -6.92
N VAL A 157 -1.26 -5.08 -7.69
CA VAL A 157 -2.31 -6.00 -7.24
C VAL A 157 -1.87 -7.45 -7.46
N PRO A 158 -1.68 -8.22 -6.38
CA PRO A 158 -1.35 -9.62 -6.60
C PRO A 158 -2.53 -10.37 -7.21
N LEU A 159 -2.31 -10.99 -8.38
CA LEU A 159 -3.38 -11.68 -9.10
C LEU A 159 -3.48 -13.18 -8.77
N TYR A 160 -2.39 -13.73 -8.23
CA TYR A 160 -2.29 -15.15 -7.93
C TYR A 160 -2.86 -15.50 -6.55
N THR A 161 -3.04 -16.80 -6.28
CA THR A 161 -3.41 -17.32 -4.95
C THR A 161 -2.38 -18.36 -4.48
N LEU A 162 -1.87 -18.16 -3.26
CA LEU A 162 -0.80 -19.01 -2.74
C LEU A 162 -1.27 -20.40 -2.30
N ARG A 163 -0.31 -21.26 -1.96
CA ARG A 163 -0.60 -22.66 -1.60
C ARG A 163 -1.57 -22.74 -0.44
N ASP A 164 -1.52 -21.76 0.47
CA ASP A 164 -2.43 -21.69 1.61
C ASP A 164 -3.86 -21.34 1.22
N ARG A 165 -4.04 -20.96 -0.06
CA ARG A 165 -5.35 -20.62 -0.64
C ARG A 165 -6.01 -19.36 -0.06
N VAL A 166 -5.19 -18.48 0.50
CA VAL A 166 -5.64 -17.19 1.03
C VAL A 166 -4.71 -16.06 0.58
N GLY A 167 -3.40 -16.29 0.69
CA GLY A 167 -2.40 -15.29 0.34
C GLY A 167 -2.42 -14.92 -1.12
N GLY A 168 -2.08 -13.67 -1.41
CA GLY A 168 -2.24 -13.14 -2.74
C GLY A 168 -3.61 -12.48 -2.76
N LEU A 169 -4.30 -12.61 -3.89
CA LEU A 169 -5.49 -11.83 -4.16
C LEU A 169 -6.57 -11.90 -3.07
N PRO A 170 -6.90 -13.10 -2.58
CA PRO A 170 -7.97 -13.14 -1.58
C PRO A 170 -7.63 -12.35 -0.32
N ALA A 171 -6.41 -12.51 0.20
CA ALA A 171 -5.98 -11.69 1.33
C ALA A 171 -6.01 -10.21 0.94
N PHE A 172 -5.54 -9.88 -0.27
CA PHE A 172 -5.58 -8.52 -0.77
C PHE A 172 -6.98 -7.88 -0.78
N LEU A 173 -8.02 -8.65 -1.09
CA LEU A 173 -9.39 -8.11 -1.05
C LEU A 173 -9.96 -7.82 0.36
N YCM A 174 -9.25 -8.24 1.40
CA YCM A 174 -9.64 -7.88 2.77
CB YCM A 174 -9.17 -8.92 3.80
SG YCM A 174 -10.04 -10.41 3.47
CD YCM A 174 -11.72 -10.19 4.03
CE YCM A 174 -11.93 -9.20 5.18
OZ1 YCM A 174 -11.58 -9.45 6.33
NZ2 YCM A 174 -12.54 -8.05 4.85
C YCM A 174 -9.12 -6.53 3.23
O YCM A 174 -9.45 -6.08 4.32
N ASN A 175 -8.30 -5.87 2.40
CA ASN A 175 -7.87 -4.49 2.66
C ASN A 175 -9.04 -3.50 2.53
N ASN A 176 -8.82 -2.26 2.97
CA ASN A 176 -9.88 -1.25 3.07
C ASN A 176 -9.88 -0.40 1.82
N PHE A 177 -10.91 -0.58 1.01
CA PHE A 177 -11.04 0.06 -0.30
C PHE A 177 -11.98 1.27 -0.24
N ILE A 178 -11.64 2.32 -0.97
CA ILE A 178 -12.51 3.50 -1.04
C ILE A 178 -13.70 3.26 -1.98
N GLY A 179 -14.82 3.95 -1.72
CA GLY A 179 -15.96 3.96 -2.64
C GLY A 179 -16.34 2.58 -3.17
N ASN A 180 -16.56 2.47 -4.47
CA ASN A 180 -16.79 1.17 -5.11
C ASN A 180 -15.51 0.72 -5.82
N SER A 181 -14.39 1.04 -5.21
CA SER A 181 -13.10 0.70 -5.77
C SER A 181 -12.91 -0.81 -5.96
N LYS A 182 -13.32 -1.61 -4.96
CA LYS A 182 -13.26 -3.07 -5.01
C LYS A 182 -14.12 -3.61 -6.14
N SER A 183 -15.35 -3.11 -6.19
CA SER A 183 -16.27 -3.48 -7.25
C SER A 183 -15.54 -3.36 -8.58
N GLN A 184 -15.07 -2.15 -8.87
CA GLN A 184 -14.37 -1.84 -10.10
C GLN A 184 -13.24 -2.83 -10.41
N LEU A 185 -12.44 -3.19 -9.40
CA LEU A 185 -11.32 -4.10 -9.64
C LEU A 185 -11.80 -5.47 -10.08
N LEU A 186 -12.81 -6.02 -9.39
CA LEU A 186 -13.41 -7.28 -9.79
C LEU A 186 -13.88 -7.22 -11.26
N TYR A 187 -14.56 -6.14 -11.62
CA TYR A 187 -14.92 -5.86 -13.01
C TYR A 187 -13.68 -6.00 -13.93
N ALA A 188 -12.61 -5.27 -13.64
CA ALA A 188 -11.39 -5.37 -14.44
C ALA A 188 -10.88 -6.80 -14.64
N LEU A 189 -10.86 -7.59 -13.57
CA LEU A 189 -10.31 -8.93 -13.65
C LEU A 189 -11.11 -9.80 -14.63
N ARG A 190 -12.43 -9.65 -14.63
CA ARG A 190 -13.28 -10.27 -15.65
C ARG A 190 -13.10 -9.55 -17.00
N SER A 191 -13.13 -8.22 -16.98
CA SER A 191 -12.99 -7.40 -18.18
C SER A 191 -11.74 -7.76 -18.99
N LEU A 192 -10.66 -8.10 -18.29
CA LEU A 192 -9.40 -8.48 -18.95
C LEU A 192 -9.22 -10.00 -19.08
N LYS A 193 -10.29 -10.75 -18.87
CA LYS A 193 -10.27 -12.22 -18.90
C LYS A 193 -9.13 -12.79 -18.04
N LEU A 194 -8.92 -12.19 -16.87
CA LEU A 194 -7.84 -12.62 -15.99
C LEU A 194 -8.31 -13.76 -15.10
N LEU A 195 -9.57 -13.72 -14.72
CA LEU A 195 -10.18 -14.77 -13.92
C LEU A 195 -11.59 -14.92 -14.42
N ARG A 196 -12.12 -16.15 -14.37
CA ARG A 196 -13.52 -16.39 -14.71
C ARG A 196 -14.38 -16.01 -13.50
N GLU A 197 -15.70 -16.05 -13.68
CA GLU A 197 -16.67 -15.64 -12.65
C GLU A 197 -16.64 -16.53 -11.41
N ASP A 198 -16.53 -17.85 -11.62
CA ASP A 198 -16.44 -18.80 -10.51
C ASP A 198 -15.11 -18.63 -9.74
N GLN A 199 -14.02 -18.47 -10.47
CA GLN A 199 -12.72 -18.18 -9.87
C GLN A 199 -12.78 -16.92 -9.04
N ILE A 200 -13.46 -15.90 -9.56
CA ILE A 200 -13.71 -14.66 -8.82
C ILE A 200 -14.53 -14.92 -7.55
N GLN A 201 -15.57 -15.76 -7.66
CA GLN A 201 -16.38 -16.12 -6.50
C GLN A 201 -15.58 -16.92 -5.47
N GLU A 202 -14.75 -17.84 -5.96
CA GLU A 202 -13.89 -18.67 -5.11
C GLU A 202 -13.01 -17.77 -4.24
N VAL A 203 -12.50 -16.73 -4.87
CA VAL A 203 -11.59 -15.77 -4.27
C VAL A 203 -12.25 -14.96 -3.14
N LEU A 204 -13.49 -14.53 -3.36
CA LEU A 204 -14.25 -13.76 -2.36
C LEU A 204 -14.66 -14.62 -1.17
N LYS A 205 -15.04 -15.88 -1.44
CA LYS A 205 -15.37 -16.84 -0.37
C LYS A 205 -14.15 -17.12 0.54
N ALA A 206 -12.96 -17.27 -0.08
CA ALA A 206 -11.68 -17.33 0.65
C ALA A 206 -11.38 -15.99 1.35
N SER A 207 -11.60 -14.89 0.63
CA SER A 207 -11.44 -13.55 1.18
C SER A 207 -12.33 -13.32 2.41
N HIS A 208 -13.66 -13.45 2.23
CA HIS A 208 -14.64 -13.10 3.28
C HIS A 208 -14.40 -13.80 4.61
N ARG A 209 -13.96 -15.05 4.54
CA ARG A 209 -13.53 -15.81 5.73
C ARG A 209 -12.01 -15.68 5.91
N PRO B 18 1.08 -14.39 20.73
CA PRO B 18 2.27 -13.47 20.62
C PRO B 18 2.70 -12.97 22.01
N ARG B 19 3.87 -13.44 22.44
CA ARG B 19 4.39 -13.22 23.79
C ARG B 19 5.62 -12.32 23.83
N ASN B 20 5.71 -11.43 24.82
CA ASN B 20 6.91 -10.61 25.01
C ASN B 20 8.06 -11.44 25.55
N ILE B 21 9.27 -11.12 25.08
CA ILE B 21 10.51 -11.78 25.52
C ILE B 21 11.68 -10.82 25.31
N SER B 22 12.70 -10.88 26.16
CA SER B 22 13.90 -10.06 25.97
C SER B 22 14.77 -10.62 24.84
N ARG B 23 15.56 -9.72 24.24
CA ARG B 23 16.54 -10.08 23.21
C ARG B 23 17.47 -11.23 23.63
N GLU B 24 18.17 -11.02 24.76
CA GLU B 24 19.16 -11.96 25.27
C GLU B 24 18.57 -13.33 25.52
N GLU B 25 17.34 -13.35 26.02
CA GLU B 25 16.68 -14.60 26.37
C GLU B 25 16.25 -15.37 25.13
N SER B 26 15.75 -14.63 24.12
CA SER B 26 15.30 -15.24 22.88
C SER B 26 16.48 -15.76 22.06
N LEU B 27 17.63 -15.10 22.20
CA LEU B 27 18.84 -15.52 21.50
C LEU B 27 19.47 -16.77 22.11
N GLN B 28 19.13 -17.06 23.36
CA GLN B 28 19.60 -18.28 24.02
C GLN B 28 18.69 -19.48 23.74
N LEU B 29 17.57 -19.25 23.04
CA LEU B 29 16.61 -20.31 22.72
C LEU B 29 17.15 -21.23 21.63
N GLU B 30 16.71 -22.48 21.67
CA GLU B 30 17.12 -23.46 20.67
C GLU B 30 15.98 -23.88 19.75
N GLY B 31 16.30 -24.03 18.47
CA GLY B 31 15.34 -24.48 17.47
C GLY B 31 14.26 -23.48 17.14
N TYR B 32 14.51 -22.20 17.35
CA TYR B 32 13.55 -21.17 16.94
C TYR B 32 13.97 -20.52 15.64
N LYS B 33 12.97 -20.13 14.86
CA LYS B 33 13.20 -19.31 13.68
C LYS B 33 13.16 -17.85 14.10
N HIS B 34 14.05 -17.04 13.53
CA HIS B 34 14.08 -15.62 13.85
C HIS B 34 13.75 -14.77 12.63
N ALA B 35 13.11 -13.63 12.88
CA ALA B 35 12.85 -12.62 11.86
C ALA B 35 13.15 -11.25 12.42
N CYS B 36 13.63 -10.37 11.54
CA CYS B 36 13.79 -8.97 11.85
C CYS B 36 13.00 -8.09 10.87
N HIS B 37 12.38 -7.04 11.43
CA HIS B 37 11.60 -6.06 10.70
C HIS B 37 11.81 -4.67 11.33
N ALA B 38 11.93 -3.65 10.49
CA ALA B 38 12.21 -2.30 10.96
C ALA B 38 11.16 -1.28 10.49
N LEU B 39 10.88 -0.32 11.37
CA LEU B 39 10.16 0.89 10.96
C LEU B 39 11.14 2.03 10.69
N LEU B 40 11.26 2.43 9.43
CA LEU B 40 12.11 3.57 9.10
C LEU B 40 11.22 4.81 9.07
N HIS B 41 11.63 5.88 9.75
CA HIS B 41 10.77 7.06 9.88
C HIS B 41 11.56 8.36 9.89
N ALA B 42 10.89 9.45 9.53
CA ALA B 42 11.49 10.77 9.49
C ALA B 42 10.47 11.90 9.73
N PRO B 43 10.85 12.96 10.47
CA PRO B 43 9.94 14.08 10.68
C PRO B 43 9.64 14.83 9.37
N SER B 44 8.44 15.40 9.27
CA SER B 44 8.09 16.20 8.11
C SER B 44 7.26 17.41 8.46
N GLN B 45 7.51 18.52 7.76
CA GLN B 45 6.80 19.79 8.00
C GLN B 45 5.58 19.95 7.09
N ALA B 46 5.43 19.03 6.14
CA ALA B 46 4.35 19.09 5.18
C ALA B 46 2.98 19.02 5.82
N LYS B 47 2.02 19.73 5.22
CA LYS B 47 0.63 19.68 5.67
C LYS B 47 -0.27 19.23 4.53
N LEU B 48 -1.00 18.14 4.78
CA LEU B 48 -1.98 17.65 3.84
C LEU B 48 -3.09 18.71 3.69
N PHE B 49 -3.41 19.02 2.43
CA PHE B 49 -4.31 20.11 2.05
C PHE B 49 -3.87 21.47 2.62
N ASP B 50 -2.57 21.57 2.95
CA ASP B 50 -1.97 22.76 3.58
C ASP B 50 -2.53 23.11 4.96
N ARG B 51 -3.32 22.20 5.53
CA ARG B 51 -3.91 22.41 6.86
C ARG B 51 -3.55 21.28 7.83
N VAL B 52 -3.61 20.04 7.35
CA VAL B 52 -3.39 18.87 8.22
C VAL B 52 -1.94 18.39 8.23
N PRO B 53 -1.27 18.50 9.39
CA PRO B 53 0.16 18.17 9.42
C PRO B 53 0.44 16.68 9.32
N ILE B 54 1.32 16.36 8.38
CA ILE B 54 1.85 15.00 8.19
C ILE B 54 2.60 14.54 9.43
N ARG B 55 3.38 15.45 10.02
CA ARG B 55 4.15 15.26 11.27
C ARG B 55 5.40 14.40 11.04
N ARG B 56 5.19 13.17 10.56
CA ARG B 56 6.29 12.24 10.40
C ARG B 56 6.00 11.21 9.31
N VAL B 57 7.02 10.84 8.54
CA VAL B 57 6.89 9.81 7.52
C VAL B 57 7.23 8.40 8.06
N LEU B 58 6.27 7.49 8.03
CA LEU B 58 6.49 6.11 8.46
C LEU B 58 6.24 5.15 7.31
N LEU B 59 7.24 4.33 7.00
CA LEU B 59 7.22 3.45 5.84
C LEU B 59 6.74 2.05 6.16
N MET B 60 5.83 1.52 5.34
CA MET B 60 5.43 0.09 5.41
C MET B 60 5.33 -0.39 3.97
N MET B 61 4.78 -1.59 3.75
CA MET B 61 4.72 -2.11 2.39
C MET B 61 3.53 -2.98 2.15
N MET B 62 3.09 -3.06 0.89
CA MET B 62 2.25 -4.16 0.44
C MET B 62 3.16 -5.33 0.09
N ARG B 63 2.87 -6.49 0.65
CA ARG B 63 3.66 -7.67 0.45
C ARG B 63 3.03 -8.49 -0.66
N PHE B 64 3.82 -9.41 -1.21
CA PHE B 64 3.37 -10.39 -2.18
C PHE B 64 2.08 -11.12 -1.78
N ASP B 65 1.82 -11.22 -0.48
CA ASP B 65 0.64 -11.99 -0.01
C ASP B 65 -0.58 -11.09 0.14
N GLY B 66 -0.45 -9.83 -0.25
CA GLY B 66 -1.59 -8.93 -0.20
C GLY B 66 -1.83 -8.35 1.19
N ARG B 67 -0.86 -8.47 2.09
CA ARG B 67 -0.97 -7.89 3.43
C ARG B 67 0.05 -6.77 3.61
N LEU B 68 -0.26 -5.82 4.48
CA LEU B 68 0.70 -4.78 4.89
C LEU B 68 1.65 -5.36 5.92
N GLY B 69 2.91 -4.92 5.86
CA GLY B 69 3.96 -5.37 6.76
C GLY B 69 5.08 -4.33 6.83
N PHE B 70 6.05 -4.56 7.72
CA PHE B 70 7.26 -3.76 7.75
C PHE B 70 8.33 -4.49 6.94
N PRO B 71 9.29 -3.76 6.37
CA PRO B 71 10.43 -4.43 5.69
C PRO B 71 11.27 -5.25 6.67
N GLY B 72 11.88 -6.32 6.17
CA GLY B 72 12.70 -7.23 6.97
C GLY B 72 12.37 -8.68 6.59
N GLY B 73 12.91 -9.64 7.34
CA GLY B 73 12.60 -11.05 7.10
C GLY B 73 13.40 -12.00 7.98
N PHE B 74 13.48 -13.27 7.57
CA PHE B 74 14.10 -14.31 8.40
C PHE B 74 15.62 -14.17 8.49
N VAL B 75 16.16 -14.46 9.66
CA VAL B 75 17.59 -14.35 9.90
C VAL B 75 18.08 -15.64 10.53
N ASP B 76 19.13 -16.21 9.94
CA ASP B 76 19.76 -17.38 10.50
C ASP B 76 20.83 -16.96 11.50
N THR B 77 20.52 -17.08 12.78
CA THR B 77 21.42 -16.60 13.85
C THR B 77 22.65 -17.48 14.14
N ARG B 78 22.60 -18.73 13.67
CA ARG B 78 23.79 -19.60 13.70
C ARG B 78 24.81 -19.17 12.64
N ASP B 79 24.36 -18.35 11.70
CA ASP B 79 25.20 -17.87 10.60
C ASP B 79 25.59 -16.40 10.76
N ILE B 80 24.61 -15.52 10.89
CA ILE B 80 24.88 -14.09 11.00
C ILE B 80 24.12 -13.44 12.13
N SER B 81 24.57 -12.26 12.55
CA SER B 81 23.90 -11.55 13.62
C SER B 81 22.51 -11.09 13.19
N LEU B 82 21.68 -10.73 14.17
CA LEU B 82 20.35 -10.17 13.91
C LEU B 82 20.41 -8.90 13.05
N GLU B 83 21.38 -8.04 13.35
CA GLU B 83 21.58 -6.80 12.61
C GLU B 83 22.06 -7.11 11.18
N GLU B 84 22.91 -8.12 11.04
CA GLU B 84 23.45 -8.47 9.74
C GLU B 84 22.33 -9.01 8.85
N GLY B 85 21.52 -9.90 9.40
CA GLY B 85 20.35 -10.42 8.69
C GLY B 85 19.39 -9.33 8.29
N LEU B 86 19.08 -8.40 9.20
CA LEU B 86 18.18 -7.28 8.90
C LEU B 86 18.68 -6.45 7.71
N LYS B 87 19.95 -6.08 7.76
CA LYS B 87 20.65 -5.31 6.74
C LYS B 87 20.47 -5.89 5.32
N ARG B 88 20.72 -7.19 5.21
CA ARG B 88 20.63 -7.89 3.94
C ARG B 88 19.19 -7.89 3.42
N GLU B 89 18.25 -8.09 4.32
CA GLU B 89 16.86 -8.20 3.94
C GLU B 89 16.30 -6.84 3.56
N LEU B 90 16.79 -5.80 4.24
CA LEU B 90 16.39 -4.43 3.95
C LEU B 90 16.88 -4.01 2.58
N GLU B 91 18.11 -4.38 2.22
CA GLU B 91 18.67 -4.01 0.93
C GLU B 91 17.95 -4.76 -0.20
N GLU B 92 17.59 -6.01 0.05
CA GLU B 92 16.81 -6.82 -0.89
C GLU B 92 15.39 -6.26 -1.12
N GLU B 93 14.80 -5.78 -0.04
CA GLU B 93 13.40 -5.41 -0.05
C GLU B 93 13.22 -3.95 -0.34
N LEU B 94 14.15 -3.13 0.14
CA LEU B 94 14.02 -1.70 -0.03
C LEU B 94 14.91 -1.13 -1.12
N GLY B 95 16.08 -1.74 -1.33
CA GLY B 95 16.94 -1.26 -2.41
C GLY B 95 18.26 -0.63 -2.00
N PRO B 96 19.08 -0.29 -3.00
CA PRO B 96 20.49 0.12 -2.80
C PRO B 96 20.65 1.30 -1.82
N ALA B 97 19.67 2.19 -1.77
CA ALA B 97 19.72 3.32 -0.85
C ALA B 97 20.01 2.92 0.61
N LEU B 98 19.76 1.64 0.94
CA LEU B 98 20.03 1.14 2.29
C LEU B 98 21.53 0.86 2.56
N ALA B 99 22.34 0.80 1.50
CA ALA B 99 23.80 0.67 1.67
C ALA B 99 24.38 1.85 2.45
N THR B 100 23.70 2.99 2.43
CA THR B 100 24.09 4.14 3.24
C THR B 100 23.40 4.15 4.62
N VAL B 101 22.68 3.08 4.98
CA VAL B 101 21.85 3.07 6.19
C VAL B 101 22.23 2.01 7.22
N GLU B 102 22.73 2.45 8.36
CA GLU B 102 23.18 1.53 9.41
C GLU B 102 22.11 1.30 10.51
N VAL B 103 21.44 0.16 10.47
CA VAL B 103 20.54 -0.18 11.57
C VAL B 103 21.32 -1.06 12.53
N THR B 104 21.65 -0.50 13.69
CA THR B 104 22.57 -1.13 14.65
C THR B 104 21.76 -1.72 15.81
N GLU B 105 22.46 -2.17 16.85
CA GLU B 105 21.79 -2.66 18.06
C GLU B 105 21.02 -1.55 18.78
N ASP B 106 21.46 -0.31 18.66
CA ASP B 106 20.77 0.83 19.30
C ASP B 106 19.35 1.00 18.79
N ASP B 107 19.10 0.55 17.58
CA ASP B 107 17.80 0.66 16.92
C ASP B 107 16.81 -0.41 17.35
N TYR B 108 17.34 -1.49 17.96
CA TYR B 108 16.50 -2.60 18.44
C TYR B 108 15.47 -2.18 19.50
N ARG B 109 14.28 -2.73 19.41
CA ARG B 109 13.18 -2.32 20.30
C ARG B 109 12.63 -3.47 21.13
N SER B 110 12.10 -4.49 20.48
CA SER B 110 11.43 -5.57 21.19
C SER B 110 11.52 -6.89 20.44
N SER B 111 11.06 -7.94 21.08
CA SER B 111 11.08 -9.28 20.56
C SER B 111 9.84 -9.95 21.10
N GLN B 112 9.11 -10.60 20.20
CA GLN B 112 7.96 -11.37 20.58
C GLN B 112 8.27 -12.81 20.16
N VAL B 113 7.70 -13.78 20.89
CA VAL B 113 7.93 -15.21 20.67
C VAL B 113 6.58 -15.97 20.63
N ARG B 114 6.57 -17.09 19.90
CA ARG B 114 5.41 -17.99 19.84
C ARG B 114 5.82 -19.41 19.50
N GLU B 115 4.97 -20.37 19.84
CA GLU B 115 5.19 -21.76 19.44
C GLU B 115 4.17 -22.27 18.42
N HIS B 116 3.10 -21.50 18.19
CA HIS B 116 2.06 -21.91 17.25
C HIS B 116 1.70 -20.83 16.23
N PRO B 117 1.54 -21.23 14.95
CA PRO B 117 1.71 -22.59 14.37
C PRO B 117 3.14 -23.17 14.41
N GLN B 118 4.13 -22.28 14.37
CA GLN B 118 5.56 -22.64 14.36
C GLN B 118 6.35 -21.82 15.39
N LYS B 119 7.39 -22.45 15.96
CA LYS B 119 8.25 -21.81 16.94
C LYS B 119 9.04 -20.65 16.31
N YCM B 120 8.54 -19.43 16.53
CA YCM B 120 9.01 -18.26 15.77
CB YCM B 120 8.01 -17.99 14.65
SG YCM B 120 8.66 -16.75 13.55
CD YCM B 120 7.39 -16.57 12.33
CE YCM B 120 6.88 -15.15 12.38
OZ1 YCM B 120 7.33 -14.28 11.63
NZ2 YCM B 120 5.93 -14.89 13.27
C YCM B 120 9.22 -17.04 16.67
O YCM B 120 8.31 -16.66 17.43
N VAL B 121 10.40 -16.45 16.59
CA VAL B 121 10.73 -15.22 17.33
C VAL B 121 10.86 -14.04 16.36
N THR B 122 10.12 -12.96 16.61
CA THR B 122 10.17 -11.77 15.78
C THR B 122 10.80 -10.59 16.52
N HIS B 123 11.75 -9.95 15.85
CA HIS B 123 12.40 -8.79 16.40
C HIS B 123 11.94 -7.51 15.68
N PHE B 124 11.78 -6.43 16.45
CA PHE B 124 11.33 -5.17 15.88
C PHE B 124 12.37 -4.08 16.12
N TYR B 125 12.71 -3.37 15.06
CA TYR B 125 13.62 -2.24 15.15
C TYR B 125 12.83 -1.00 14.76
N ILE B 126 13.31 0.15 15.25
CA ILE B 126 12.80 1.47 14.91
C ILE B 126 13.99 2.39 14.68
N LYS B 127 14.04 3.04 13.52
CA LYS B 127 15.18 3.89 13.18
C LYS B 127 14.80 5.24 12.55
N GLU B 128 15.17 6.33 13.19
CA GLU B 128 14.96 7.66 12.65
C GLU B 128 16.00 8.02 11.58
N LEU B 129 15.53 8.61 10.49
CA LEU B 129 16.39 9.06 9.42
C LEU B 129 16.08 10.50 9.09
N LYS B 130 16.89 11.08 8.23
CA LYS B 130 16.61 12.39 7.66
CA LYS B 130 16.59 12.40 7.68
C LYS B 130 15.54 12.22 6.60
N LEU B 131 14.62 13.19 6.49
CA LEU B 131 13.56 13.14 5.48
C LEU B 131 14.08 12.81 4.08
N GLU B 132 15.08 13.55 3.59
CA GLU B 132 15.68 13.23 2.27
C GLU B 132 16.16 11.79 2.14
N GLU B 133 16.53 11.17 3.27
CA GLU B 133 16.89 9.74 3.32
C GLU B 133 15.70 8.86 2.99
N ILE B 134 14.60 9.08 3.72
CA ILE B 134 13.38 8.36 3.46
C ILE B 134 13.04 8.55 1.99
N GLU B 135 13.11 9.80 1.51
CA GLU B 135 12.72 10.10 0.13
C GLU B 135 13.61 9.37 -0.88
N ARG B 136 14.91 9.27 -0.59
CA ARG B 136 15.80 8.55 -1.47
C ARG B 136 15.45 7.05 -1.49
N ILE B 137 15.07 6.53 -0.32
CA ILE B 137 14.71 5.15 -0.22
C ILE B 137 13.51 4.84 -1.12
N GLU B 138 12.50 5.72 -1.05
CA GLU B 138 11.28 5.59 -1.84
C GLU B 138 11.58 5.69 -3.33
N ALA B 139 12.42 6.66 -3.70
CA ALA B 139 12.80 6.86 -5.10
C ALA B 139 13.52 5.63 -5.65
N GLU B 140 14.29 4.95 -4.81
CA GLU B 140 15.13 3.84 -5.26
C GLU B 140 14.56 2.43 -5.00
N ALA B 141 13.43 2.37 -4.30
CA ALA B 141 12.77 1.10 -4.00
C ALA B 141 12.40 0.32 -5.25
N VAL B 142 12.00 1.02 -6.30
CA VAL B 142 11.69 0.37 -7.58
C VAL B 142 12.88 -0.44 -8.15
N ASN B 143 14.11 -0.12 -7.71
CA ASN B 143 15.28 -0.83 -8.18
C ASN B 143 15.65 -1.97 -7.25
N ALA B 144 14.85 -2.23 -6.22
CA ALA B 144 15.19 -3.32 -5.30
C ALA B 144 15.10 -4.66 -6.00
N LYS B 145 15.93 -5.60 -5.57
CA LYS B 145 15.81 -6.97 -6.06
C LYS B 145 14.37 -7.46 -5.92
N ASP B 146 13.74 -7.16 -4.78
CA ASP B 146 12.40 -7.67 -4.48
C ASP B 146 11.20 -6.84 -4.96
N HIS B 147 11.43 -5.75 -5.68
CA HIS B 147 10.31 -4.96 -6.22
C HIS B 147 9.43 -5.73 -7.21
N GLY B 148 8.13 -5.70 -6.98
CA GLY B 148 7.16 -6.38 -7.87
C GLY B 148 7.17 -7.88 -7.65
N LEU B 149 7.97 -8.33 -6.71
CA LEU B 149 7.98 -9.71 -6.29
C LEU B 149 7.56 -9.75 -4.82
N GLU B 150 8.48 -9.93 -3.87
CA GLU B 150 8.11 -9.96 -2.45
C GLU B 150 7.47 -8.66 -1.98
N VAL B 151 7.94 -7.55 -2.53
CA VAL B 151 7.45 -6.21 -2.17
C VAL B 151 6.64 -5.64 -3.33
N MET B 152 5.37 -5.36 -3.05
CA MET B 152 4.50 -4.92 -4.12
C MET B 152 4.41 -3.41 -4.21
N GLY B 153 4.97 -2.71 -3.22
CA GLY B 153 5.08 -1.22 -3.24
C GLY B 153 5.30 -0.62 -1.86
N LEU B 154 5.98 0.52 -1.77
CA LEU B 154 6.14 1.17 -0.49
C LEU B 154 5.00 2.13 -0.18
N ILE B 155 4.69 2.27 1.11
CA ILE B 155 3.53 3.04 1.55
C ILE B 155 3.86 3.86 2.78
N ARG B 156 3.23 5.02 2.93
CA ARG B 156 3.41 5.83 4.15
C ARG B 156 2.19 5.70 5.04
N VAL B 157 2.40 5.61 6.35
CA VAL B 157 1.30 5.57 7.30
C VAL B 157 0.69 6.96 7.61
N PRO B 158 -0.62 7.13 7.32
CA PRO B 158 -1.26 8.36 7.74
C PRO B 158 -1.30 8.45 9.27
N LEU B 159 -0.76 9.54 9.84
CA LEU B 159 -0.79 9.69 11.30
C LEU B 159 -1.99 10.47 11.86
N TYR B 160 -2.72 11.19 11.01
CA TYR B 160 -3.83 12.06 11.41
C TYR B 160 -5.16 11.32 11.35
N THR B 161 -6.13 11.81 12.09
CA THR B 161 -7.54 11.53 11.86
C THR B 161 -8.15 12.76 11.18
N LEU B 162 -8.95 12.54 10.13
CA LEU B 162 -9.60 13.61 9.38
C LEU B 162 -10.87 14.08 10.10
N ARG B 163 -11.51 15.13 9.58
CA ARG B 163 -12.66 15.73 10.26
CA ARG B 163 -12.65 15.73 10.27
C ARG B 163 -13.83 14.76 10.41
C ARG B 163 -13.93 14.88 10.28
N ASP B 164 -13.95 13.80 9.49
CA ASP B 164 -15.04 12.82 9.53
C ASP B 164 -14.82 11.75 10.63
N ARG B 165 -13.71 11.87 11.34
CA ARG B 165 -13.38 11.02 12.50
C ARG B 165 -12.99 9.57 12.18
N VAL B 166 -12.79 9.27 10.89
CA VAL B 166 -12.42 7.93 10.39
C VAL B 166 -11.20 7.97 9.43
N GLY B 167 -11.32 8.73 8.37
CA GLY B 167 -10.24 8.88 7.40
C GLY B 167 -8.91 9.16 8.08
N GLY B 168 -7.85 8.51 7.58
CA GLY B 168 -6.51 8.66 8.13
C GLY B 168 -6.08 7.39 8.83
N LEU B 169 -5.43 7.53 9.98
CA LEU B 169 -4.99 6.38 10.78
C LEU B 169 -6.08 5.38 11.09
N PRO B 170 -7.25 5.84 11.60
CA PRO B 170 -8.24 4.80 11.96
C PRO B 170 -8.58 3.89 10.79
N ALA B 171 -8.94 4.50 9.65
CA ALA B 171 -9.35 3.74 8.49
C ALA B 171 -8.21 2.84 8.01
N PHE B 172 -6.98 3.37 8.09
CA PHE B 172 -5.79 2.68 7.67
C PHE B 172 -5.60 1.40 8.50
N LEU B 173 -5.96 1.49 9.79
CA LEU B 173 -5.82 0.34 10.67
C LEU B 173 -6.84 -0.76 10.34
N YCM B 174 -7.76 -0.45 9.44
CA YCM B 174 -8.74 -1.42 8.98
CB YCM B 174 -10.02 -0.70 8.54
SG YCM B 174 -11.12 -0.51 9.90
CD YCM B 174 -12.39 -1.62 9.36
CE YCM B 174 -12.51 -2.82 10.28
OZ1 YCM B 174 -13.61 -3.26 10.60
NZ2 YCM B 174 -11.36 -3.37 10.71
C YCM B 174 -8.17 -2.24 7.83
O YCM B 174 -8.82 -3.16 7.36
N ASN B 175 -6.96 -1.91 7.37
CA ASN B 175 -6.32 -2.73 6.33
C ASN B 175 -5.84 -4.09 6.86
N ASN B 176 -5.36 -4.95 5.96
CA ASN B 176 -5.00 -6.32 6.31
C ASN B 176 -3.53 -6.49 6.61
N PHE B 177 -3.19 -6.79 7.86
CA PHE B 177 -1.80 -6.79 8.32
C PHE B 177 -1.19 -8.20 8.55
N ILE B 178 0.11 -8.34 8.33
CA ILE B 178 0.77 -9.63 8.55
C ILE B 178 1.23 -9.78 10.00
N GLY B 179 1.14 -11.00 10.55
CA GLY B 179 1.64 -11.32 11.90
C GLY B 179 1.21 -10.32 12.96
N ASN B 180 2.19 -9.73 13.63
CA ASN B 180 1.92 -8.78 14.70
CA ASN B 180 1.92 -8.78 14.70
C ASN B 180 2.28 -7.34 14.30
C ASN B 180 2.27 -7.34 14.31
N SER B 181 2.28 -7.09 12.99
CA SER B 181 2.69 -5.79 12.46
C SER B 181 1.77 -4.65 12.89
N LYS B 182 0.47 -4.91 12.91
CA LYS B 182 -0.47 -3.96 13.46
C LYS B 182 -0.11 -3.56 14.90
N SER B 183 0.29 -4.54 15.69
CA SER B 183 0.65 -4.31 17.08
C SER B 183 2.00 -3.62 17.23
N GLN B 184 2.93 -3.92 16.33
CA GLN B 184 4.22 -3.28 16.35
C GLN B 184 4.09 -1.78 16.01
N LEU B 185 3.18 -1.47 15.10
CA LEU B 185 3.01 -0.09 14.68
C LEU B 185 2.41 0.72 15.83
N LEU B 186 1.42 0.13 16.50
CA LEU B 186 0.74 0.81 17.59
C LEU B 186 1.72 1.06 18.72
N TYR B 187 2.62 0.10 18.92
CA TYR B 187 3.71 0.26 19.88
C TYR B 187 4.61 1.43 19.48
N ALA B 188 4.91 1.55 18.18
CA ALA B 188 5.82 2.61 17.73
C ALA B 188 5.16 3.97 17.90
N LEU B 189 3.86 4.03 17.62
CA LEU B 189 3.12 5.27 17.80
C LEU B 189 3.27 5.75 19.25
N ARG B 190 3.20 4.81 20.20
CA ARG B 190 3.42 5.11 21.62
C ARG B 190 4.86 5.46 21.91
N SER B 191 5.77 4.63 21.39
CA SER B 191 7.19 4.75 21.63
C SER B 191 7.76 6.10 21.16
N LEU B 192 7.28 6.58 20.02
CA LEU B 192 7.75 7.82 19.42
C LEU B 192 6.95 9.01 19.91
N LYS B 193 6.03 8.78 20.85
CA LYS B 193 5.23 9.85 21.48
C LYS B 193 4.36 10.56 20.45
N LEU B 194 3.80 9.79 19.53
CA LEU B 194 2.99 10.35 18.44
C LEU B 194 1.55 10.46 18.87
N LEU B 195 1.09 9.47 19.63
CA LEU B 195 -0.28 9.44 20.12
C LEU B 195 -0.28 9.00 21.58
N ARG B 196 -1.15 9.63 22.37
CA ARG B 196 -1.37 9.22 23.76
C ARG B 196 -2.17 7.91 23.80
N GLU B 197 -2.11 7.21 24.92
CA GLU B 197 -2.83 5.95 25.05
C GLU B 197 -4.32 6.11 24.78
N ASP B 198 -4.90 7.24 25.20
CA ASP B 198 -6.32 7.51 24.91
C ASP B 198 -6.57 7.75 23.42
N GLN B 199 -5.72 8.55 22.79
CA GLN B 199 -5.77 8.75 21.34
C GLN B 199 -5.68 7.42 20.58
N ILE B 200 -4.83 6.53 21.07
CA ILE B 200 -4.66 5.21 20.46
C ILE B 200 -5.93 4.38 20.65
N GLN B 201 -6.49 4.42 21.85
CA GLN B 201 -7.70 3.67 22.14
C GLN B 201 -8.83 4.22 21.31
N GLU B 202 -8.82 5.54 21.13
CA GLU B 202 -9.82 6.25 20.35
C GLU B 202 -9.77 5.80 18.90
N VAL B 203 -8.60 5.94 18.29
CA VAL B 203 -8.37 5.49 16.92
C VAL B 203 -8.89 4.05 16.70
N LEU B 204 -8.61 3.17 17.66
CA LEU B 204 -9.03 1.78 17.53
C LEU B 204 -10.55 1.60 17.55
N LYS B 205 -11.25 2.41 18.35
CA LYS B 205 -12.71 2.47 18.34
C LYS B 205 -13.29 3.01 17.01
N ALA B 206 -12.75 4.14 16.51
CA ALA B 206 -13.23 4.73 15.26
C ALA B 206 -13.03 3.76 14.10
N SER B 207 -12.03 2.89 14.26
CA SER B 207 -11.70 1.86 13.26
C SER B 207 -12.75 0.76 13.29
N HIS B 208 -13.45 0.63 14.42
CA HIS B 208 -14.41 -0.46 14.70
C HIS B 208 -13.63 -1.77 14.82
MN MN C . -7.62 11.17 -6.20
MN MN D . -6.51 14.17 -6.88
MN MN E . -9.22 16.36 -7.49
P1 POP F . -9.62 13.83 -5.56
O1 POP F . -9.96 15.11 -6.26
O2 POP F . -9.28 14.13 -4.13
O3 POP F . -8.46 13.15 -6.25
O POP F . -10.91 12.89 -5.65
P2 POP F . -10.95 11.39 -5.04
O4 POP F . -10.42 11.44 -3.63
O5 POP F . -12.40 10.95 -5.02
O6 POP F . -10.15 10.44 -5.89
MN MN G . 10.10 -9.73 4.20
MN MN H . 12.51 -10.73 2.28
P1 POP I . 10.90 -13.13 4.43
O1 POP I . 12.21 -13.70 4.91
O2 POP I . 10.47 -13.88 3.19
O3 POP I . 11.03 -11.66 4.12
O POP I . 9.82 -13.32 5.60
P2 POP I . 8.69 -12.20 5.86
O4 POP I . 7.92 -11.98 4.58
O5 POP I . 7.76 -12.76 6.92
O6 POP I . 9.28 -10.90 6.34
#